data_1IIG
#
_entry.id   1IIG
#
_cell.length_a   112.360
_cell.length_b   97.590
_cell.length_c   46.710
_cell.angle_alpha   90.00
_cell.angle_beta   90.00
_cell.angle_gamma   90.00
#
_symmetry.space_group_name_H-M   'P 21 21 21'
#
loop_
_entity.id
_entity.type
_entity.pdbx_description
1 polymer 'TRIOSEPHOSPHATE ISOMERASE'
2 non-polymer '3-PHOSPHONOPROPANOIC ACID'
3 water water
#
_entity_poly.entity_id   1
_entity_poly.type   'polypeptide(L)'
_entity_poly.pdbx_seq_one_letter_code
;MSKPQPIAAANWKCNGSQQSLSELIDLFNSTSINHDVQCVVASTFVHLAMTKERLSHPKFVIAAQNAIAKSGAFTGEVSL
PILKDFGVNWIVLGHSERRAYYGETNEIVADKVAAAVASGFMVIACIGETLQERESGRTAVVVLTQIAAIAKKLKKADWA
KVVIAYEPVWAIGTGKVATPQQAQEAHALIRSWVSSKIGADVAGELRILYGGSVNGKNARTLYQQRDVNGFLVGGASLKP
EFVDIIKATQ
;
_entity_poly.pdbx_strand_id   A,B
#
# COMPACT_ATOMS: atom_id res chain seq x y z
N SER A 2 -23.32 17.63 -26.28
CA SER A 2 -22.17 16.77 -26.58
C SER A 2 -21.10 16.72 -25.48
N LYS A 3 -20.92 15.49 -24.99
CA LYS A 3 -19.94 15.10 -24.00
C LYS A 3 -18.86 14.12 -24.52
N PRO A 4 -17.69 14.12 -23.86
CA PRO A 4 -16.64 13.13 -24.09
C PRO A 4 -17.14 11.73 -23.76
N GLN A 5 -16.28 10.73 -23.93
CA GLN A 5 -16.58 9.39 -23.50
C GLN A 5 -16.76 9.24 -21.97
N PRO A 6 -17.90 8.77 -21.55
CA PRO A 6 -18.05 8.58 -20.12
C PRO A 6 -17.14 7.50 -19.48
N ILE A 7 -17.05 7.49 -18.13
CA ILE A 7 -16.25 6.54 -17.38
C ILE A 7 -17.02 6.07 -16.16
N ALA A 8 -17.18 4.78 -16.02
CA ALA A 8 -17.77 4.29 -14.80
C ALA A 8 -16.69 3.56 -14.06
N ALA A 9 -16.16 4.24 -13.07
CA ALA A 9 -15.08 3.74 -12.24
C ALA A 9 -15.62 3.14 -10.91
N ALA A 10 -15.14 1.98 -10.57
CA ALA A 10 -15.52 1.28 -9.37
C ALA A 10 -14.32 1.23 -8.43
N ASN A 11 -14.40 1.99 -7.38
CA ASN A 11 -13.32 2.03 -6.45
C ASN A 11 -13.66 1.02 -5.39
N TRP A 12 -13.07 -0.15 -5.45
CA TRP A 12 -13.45 -1.13 -4.44
C TRP A 12 -12.86 -0.80 -3.08
N LYS A 13 -11.97 0.18 -3.01
CA LYS A 13 -11.33 0.52 -1.78
C LYS A 13 -10.68 -0.68 -1.15
N CYS A 14 -10.56 -0.67 0.18
CA CYS A 14 -9.87 -1.75 0.85
C CYS A 14 -10.88 -2.79 1.28
N ASN A 15 -11.43 -3.52 0.30
CA ASN A 15 -12.46 -4.51 0.50
C ASN A 15 -12.36 -5.68 -0.45
N GLY A 16 -13.01 -6.77 -0.08
CA GLY A 16 -13.12 -7.90 -1.01
C GLY A 16 -12.42 -9.18 -0.58
N SER A 17 -12.84 -10.28 -1.17
CA SER A 17 -12.27 -11.59 -0.90
C SER A 17 -12.17 -12.23 -2.25
N GLN A 18 -11.45 -13.31 -2.37
CA GLN A 18 -11.37 -13.91 -3.69
C GLN A 18 -12.78 -14.32 -4.13
N GLN A 19 -13.48 -15.06 -3.24
CA GLN A 19 -14.81 -15.54 -3.51
C GLN A 19 -15.77 -14.41 -3.93
N SER A 20 -16.01 -13.47 -3.01
CA SER A 20 -16.94 -12.40 -3.27
C SER A 20 -16.60 -11.61 -4.51
N LEU A 21 -15.32 -11.35 -4.75
CA LEU A 21 -14.92 -10.63 -5.95
C LEU A 21 -15.10 -11.39 -7.25
N SER A 22 -14.79 -12.67 -7.22
CA SER A 22 -14.88 -13.49 -8.38
C SER A 22 -16.28 -13.37 -8.91
N GLU A 23 -17.26 -13.44 -8.01
CA GLU A 23 -18.67 -13.39 -8.35
C GLU A 23 -19.08 -12.14 -9.10
N LEU A 24 -18.70 -11.00 -8.53
CA LEU A 24 -18.88 -9.66 -9.03
C LEU A 24 -18.28 -9.52 -10.42
N ILE A 25 -17.01 -9.93 -10.60
CA ILE A 25 -16.29 -10.01 -11.92
C ILE A 25 -17.18 -10.74 -12.93
N ASP A 26 -17.75 -11.84 -12.50
CA ASP A 26 -18.68 -12.60 -13.30
C ASP A 26 -19.93 -11.85 -13.71
N LEU A 27 -20.55 -11.14 -12.78
CA LEU A 27 -21.72 -10.35 -13.09
C LEU A 27 -21.35 -9.32 -14.16
N PHE A 28 -20.12 -8.84 -14.08
CA PHE A 28 -19.68 -7.77 -14.94
C PHE A 28 -19.49 -8.18 -16.40
N ASN A 29 -18.74 -9.26 -16.60
CA ASN A 29 -18.49 -9.79 -17.93
C ASN A 29 -19.77 -10.16 -18.64
N SER A 30 -20.82 -10.36 -17.88
CA SER A 30 -22.09 -10.74 -18.45
C SER A 30 -22.76 -9.50 -19.06
N THR A 31 -22.68 -8.41 -18.36
CA THR A 31 -23.25 -7.14 -18.75
C THR A 31 -23.08 -6.77 -20.22
N SER A 32 -24.24 -6.44 -20.79
CA SER A 32 -24.30 -6.04 -22.15
C SER A 32 -24.26 -4.55 -22.09
N ILE A 33 -23.16 -3.96 -22.55
CA ILE A 33 -23.03 -2.52 -22.58
C ILE A 33 -22.91 -2.13 -24.04
N ASN A 34 -23.86 -1.37 -24.56
CA ASN A 34 -23.90 -1.05 -26.00
C ASN A 34 -23.33 0.31 -26.44
N HIS A 35 -23.10 1.19 -25.51
CA HIS A 35 -22.59 2.50 -25.83
C HIS A 35 -21.08 2.69 -25.57
N ASP A 36 -20.52 3.78 -26.08
CA ASP A 36 -19.14 4.04 -25.81
C ASP A 36 -18.96 4.52 -24.35
N VAL A 37 -18.47 3.63 -23.48
CA VAL A 37 -18.14 3.94 -22.10
C VAL A 37 -16.88 3.19 -21.73
N GLN A 38 -16.10 3.81 -20.84
CA GLN A 38 -14.93 3.30 -20.21
C GLN A 38 -15.20 2.84 -18.77
N CYS A 39 -15.26 1.51 -18.59
CA CYS A 39 -15.50 0.89 -17.30
C CYS A 39 -14.19 0.64 -16.61
N VAL A 40 -14.04 1.08 -15.39
CA VAL A 40 -12.80 0.89 -14.74
C VAL A 40 -13.02 0.22 -13.42
N VAL A 41 -12.36 -0.91 -13.15
CA VAL A 41 -12.41 -1.62 -11.88
C VAL A 41 -11.12 -1.42 -11.12
N ALA A 42 -11.18 -0.74 -10.00
CA ALA A 42 -9.99 -0.42 -9.25
C ALA A 42 -9.92 -1.28 -8.01
N SER A 43 -9.06 -2.28 -8.02
CA SER A 43 -8.95 -3.23 -6.94
C SER A 43 -7.72 -2.94 -6.06
N THR A 44 -7.70 -3.59 -4.91
CA THR A 44 -6.52 -3.69 -4.04
C THR A 44 -5.37 -4.23 -4.86
N PHE A 45 -4.17 -3.91 -4.38
CA PHE A 45 -2.95 -4.41 -5.01
C PHE A 45 -2.94 -5.94 -5.05
N VAL A 46 -3.42 -6.54 -3.98
CA VAL A 46 -3.44 -7.97 -3.82
C VAL A 46 -4.39 -8.73 -4.77
N HIS A 47 -5.43 -8.04 -5.20
CA HIS A 47 -6.41 -8.59 -6.08
C HIS A 47 -6.20 -8.30 -7.56
N LEU A 48 -5.20 -7.55 -7.88
CA LEU A 48 -4.92 -7.19 -9.25
C LEU A 48 -4.85 -8.38 -10.22
N ALA A 49 -3.98 -9.33 -9.93
CA ALA A 49 -3.81 -10.55 -10.69
C ALA A 49 -5.07 -11.31 -10.95
N MET A 50 -5.82 -11.61 -9.91
CA MET A 50 -7.11 -12.25 -10.05
C MET A 50 -8.01 -11.42 -10.97
N THR A 51 -8.17 -10.15 -10.71
CA THR A 51 -9.00 -9.33 -11.52
C THR A 51 -8.64 -9.31 -13.00
N LYS A 52 -7.33 -9.15 -13.30
CA LYS A 52 -6.65 -9.20 -14.59
C LYS A 52 -7.09 -10.35 -15.48
N GLU A 53 -6.81 -11.60 -14.98
CA GLU A 53 -7.17 -12.94 -15.53
C GLU A 53 -8.68 -13.12 -15.83
N ARG A 54 -9.49 -12.78 -14.83
CA ARG A 54 -10.90 -13.02 -14.76
C ARG A 54 -11.81 -12.06 -15.47
N LEU A 55 -11.45 -10.76 -15.52
CA LEU A 55 -12.18 -9.73 -16.27
C LEU A 55 -11.86 -9.91 -17.72
N SER A 56 -12.90 -10.05 -18.53
CA SER A 56 -12.69 -10.31 -19.92
C SER A 56 -13.42 -9.30 -20.79
N HIS A 57 -14.40 -8.68 -20.17
CA HIS A 57 -15.27 -7.75 -20.84
C HIS A 57 -14.45 -6.75 -21.62
N PRO A 58 -14.76 -6.56 -22.89
CA PRO A 58 -14.01 -5.58 -23.68
C PRO A 58 -14.05 -4.12 -23.17
N LYS A 59 -15.08 -3.69 -22.45
CA LYS A 59 -15.14 -2.33 -21.92
C LYS A 59 -14.51 -2.11 -20.56
N PHE A 60 -13.96 -3.17 -19.97
CA PHE A 60 -13.40 -3.05 -18.64
C PHE A 60 -11.87 -2.98 -18.67
N VAL A 61 -11.23 -2.07 -17.92
CA VAL A 61 -9.81 -1.99 -17.76
C VAL A 61 -9.60 -1.85 -16.27
N ILE A 62 -8.43 -2.34 -15.81
CA ILE A 62 -8.06 -2.32 -14.40
C ILE A 62 -7.20 -1.13 -14.00
N ALA A 63 -7.43 -0.70 -12.76
CA ALA A 63 -6.74 0.38 -12.12
C ALA A 63 -6.23 -0.05 -10.76
N ALA A 64 -5.23 0.63 -10.25
CA ALA A 64 -4.70 0.39 -8.95
C ALA A 64 -5.28 1.54 -8.13
N GLN A 65 -5.36 1.43 -6.79
CA GLN A 65 -5.91 2.56 -6.03
C GLN A 65 -4.94 3.63 -5.52
N ASN A 66 -3.68 3.46 -5.81
CA ASN A 66 -2.56 4.29 -5.38
C ASN A 66 -1.23 3.76 -5.92
N ALA A 67 -0.18 4.57 -5.68
CA ALA A 67 1.17 4.28 -6.10
C ALA A 67 2.13 5.42 -5.77
N ILE A 68 3.40 5.06 -5.64
CA ILE A 68 4.44 6.04 -5.50
C ILE A 68 5.19 6.09 -6.80
N ALA A 69 5.95 7.15 -6.99
CA ALA A 69 6.65 7.38 -8.24
C ALA A 69 7.85 6.48 -8.63
N LYS A 70 8.74 6.20 -7.67
CA LYS A 70 9.98 5.51 -7.95
C LYS A 70 10.00 4.28 -7.11
N SER A 71 10.90 3.38 -7.49
CA SER A 71 11.09 2.17 -6.73
C SER A 71 12.21 2.42 -5.75
N GLY A 72 12.36 1.51 -4.80
CA GLY A 72 13.39 1.70 -3.81
C GLY A 72 12.86 1.31 -2.47
N ALA A 73 13.45 1.89 -1.43
CA ALA A 73 13.20 1.52 -0.04
C ALA A 73 12.06 2.33 0.60
N PHE A 74 10.87 1.75 0.39
CA PHE A 74 9.54 2.16 0.74
C PHE A 74 8.73 0.90 1.02
N THR A 75 9.00 0.34 2.15
CA THR A 75 8.38 -0.91 2.53
C THR A 75 6.88 -0.74 2.59
N GLY A 76 6.16 -1.62 1.94
CA GLY A 76 4.73 -1.56 2.03
C GLY A 76 4.11 -0.75 0.91
N GLU A 77 4.94 0.00 0.18
CA GLU A 77 4.48 0.75 -0.99
C GLU A 77 4.66 -0.02 -2.26
N VAL A 78 3.95 0.50 -3.30
CA VAL A 78 3.93 -0.03 -4.67
C VAL A 78 4.15 1.11 -5.67
N SER A 79 5.10 0.98 -6.57
CA SER A 79 5.52 2.04 -7.46
C SER A 79 4.91 1.96 -8.85
N LEU A 80 5.03 3.07 -9.57
CA LEU A 80 4.57 3.12 -10.95
C LEU A 80 5.31 2.14 -11.85
N PRO A 81 6.63 2.05 -11.80
CA PRO A 81 7.30 1.03 -12.56
C PRO A 81 6.76 -0.41 -12.31
N ILE A 82 6.55 -0.76 -11.03
CA ILE A 82 6.03 -2.03 -10.62
C ILE A 82 4.69 -2.32 -11.31
N LEU A 83 3.81 -1.32 -11.23
CA LEU A 83 2.50 -1.42 -11.82
C LEU A 83 2.53 -1.52 -13.33
N LYS A 84 3.42 -0.76 -13.96
CA LYS A 84 3.58 -0.71 -15.39
C LYS A 84 4.08 -2.01 -15.94
N ASP A 85 5.08 -2.63 -15.29
CA ASP A 85 5.58 -3.96 -15.63
C ASP A 85 4.47 -5.00 -15.54
N PHE A 86 3.65 -4.84 -14.53
CA PHE A 86 2.53 -5.72 -14.23
C PHE A 86 1.37 -5.58 -15.23
N GLY A 87 1.37 -4.60 -16.10
CA GLY A 87 0.28 -4.47 -17.04
C GLY A 87 -0.95 -3.73 -16.54
N VAL A 88 -0.73 -2.75 -15.65
CA VAL A 88 -1.78 -1.86 -15.19
C VAL A 88 -1.51 -0.50 -15.85
N ASN A 89 -2.46 0.01 -16.62
CA ASN A 89 -2.24 1.30 -17.21
C ASN A 89 -3.20 2.31 -16.59
N TRP A 90 -3.88 1.99 -15.51
CA TRP A 90 -4.81 2.97 -14.98
C TRP A 90 -4.54 3.17 -13.50
N ILE A 91 -4.87 4.36 -12.96
CA ILE A 91 -4.57 4.67 -11.58
C ILE A 91 -5.45 5.73 -10.89
N VAL A 92 -5.87 5.41 -9.69
CA VAL A 92 -6.55 6.44 -8.95
C VAL A 92 -5.54 7.17 -8.12
N LEU A 93 -5.42 8.46 -8.38
CA LEU A 93 -4.52 9.24 -7.50
C LEU A 93 -5.20 10.32 -6.67
N GLY A 94 -4.82 10.39 -5.39
CA GLY A 94 -5.16 11.50 -4.50
C GLY A 94 -6.60 11.51 -4.02
N HIS A 95 -7.07 10.35 -3.66
CA HIS A 95 -8.34 10.18 -3.08
C HIS A 95 -8.43 10.88 -1.73
N SER A 96 -9.66 11.24 -1.38
CA SER A 96 -10.07 11.87 -0.11
C SER A 96 -9.61 11.16 1.12
N GLU A 97 -9.65 9.86 1.07
CA GLU A 97 -9.30 9.05 2.19
C GLU A 97 -7.79 9.07 2.41
N ARG A 98 -7.08 9.29 1.32
CA ARG A 98 -5.66 9.31 1.40
C ARG A 98 -5.12 10.66 1.85
N ARG A 99 -5.82 11.73 1.45
CA ARG A 99 -5.43 13.07 1.81
C ARG A 99 -5.64 13.30 3.29
N ALA A 100 -6.65 12.57 3.80
CA ALA A 100 -7.04 12.57 5.20
C ALA A 100 -6.11 11.73 6.02
N TYR A 101 -6.17 10.42 5.81
CA TYR A 101 -5.41 9.52 6.64
C TYR A 101 -3.94 9.35 6.30
N TYR A 102 -3.46 9.64 5.09
CA TYR A 102 -2.10 9.27 4.74
C TYR A 102 -1.17 10.40 4.31
N GLY A 103 -1.52 11.60 4.68
CA GLY A 103 -0.67 12.74 4.46
C GLY A 103 -0.40 13.20 3.04
N GLU A 104 -1.41 13.13 2.17
CA GLU A 104 -1.29 13.55 0.79
C GLU A 104 -1.62 15.03 0.56
N THR A 105 -0.57 15.81 0.66
CA THR A 105 -0.63 17.23 0.41
C THR A 105 -0.98 17.47 -1.03
N ASN A 106 -1.25 18.70 -1.42
CA ASN A 106 -1.59 18.83 -2.81
C ASN A 106 -0.42 18.48 -3.66
N GLU A 107 0.75 18.97 -3.23
CA GLU A 107 2.01 18.81 -3.95
C GLU A 107 2.41 17.36 -4.14
N ILE A 108 2.10 16.51 -3.14
CA ILE A 108 2.36 15.09 -3.23
C ILE A 108 1.51 14.45 -4.31
N VAL A 109 0.25 14.81 -4.28
CA VAL A 109 -0.65 14.42 -5.32
C VAL A 109 -0.19 14.91 -6.72
N ALA A 110 0.12 16.19 -6.83
CA ALA A 110 0.56 16.80 -8.04
C ALA A 110 1.74 16.05 -8.69
N ASP A 111 2.69 15.63 -7.83
CA ASP A 111 3.92 14.91 -8.13
C ASP A 111 3.65 13.49 -8.61
N LYS A 112 2.70 12.89 -7.93
CA LYS A 112 2.28 11.58 -8.32
C LYS A 112 1.62 11.59 -9.68
N VAL A 113 0.77 12.57 -9.95
CA VAL A 113 0.04 12.69 -11.18
C VAL A 113 1.06 12.88 -12.29
N ALA A 114 1.95 13.83 -12.08
CA ALA A 114 3.05 14.05 -13.02
C ALA A 114 3.87 12.81 -13.35
N ALA A 115 4.24 12.04 -12.37
CA ALA A 115 4.99 10.81 -12.54
C ALA A 115 4.23 9.76 -13.35
N ALA A 116 2.93 9.74 -13.13
CA ALA A 116 2.09 8.75 -13.74
C ALA A 116 1.93 9.11 -15.17
N VAL A 117 1.61 10.38 -15.38
CA VAL A 117 1.43 10.90 -16.73
C VAL A 117 2.64 10.70 -17.60
N ALA A 118 3.79 10.84 -16.96
CA ALA A 118 5.08 10.65 -17.56
C ALA A 118 5.34 9.17 -17.88
N SER A 119 4.80 8.23 -17.11
CA SER A 119 4.95 6.82 -17.37
C SER A 119 3.88 6.22 -18.30
N GLY A 120 2.95 7.03 -18.75
CA GLY A 120 1.99 6.53 -19.69
C GLY A 120 0.65 6.07 -19.12
N PHE A 121 0.41 6.30 -17.84
CA PHE A 121 -0.88 5.97 -17.26
C PHE A 121 -2.00 6.94 -17.63
N MET A 122 -3.24 6.45 -17.49
CA MET A 122 -4.48 7.21 -17.53
C MET A 122 -4.80 7.43 -16.07
N VAL A 123 -4.85 8.66 -15.65
CA VAL A 123 -4.93 9.01 -14.26
C VAL A 123 -6.30 9.54 -13.88
N ILE A 124 -6.86 8.93 -12.84
CA ILE A 124 -8.06 9.46 -12.30
C ILE A 124 -7.67 10.20 -11.04
N ALA A 125 -7.46 11.50 -11.22
CA ALA A 125 -7.02 12.33 -10.15
C ALA A 125 -8.21 12.96 -9.45
N CYS A 126 -8.24 12.79 -8.14
CA CYS A 126 -9.26 13.23 -7.21
C CYS A 126 -9.00 14.59 -6.52
N ILE A 127 -10.04 15.42 -6.49
CA ILE A 127 -10.08 16.70 -5.80
C ILE A 127 -11.43 16.90 -5.10
N GLY A 128 -11.51 17.73 -4.08
CA GLY A 128 -12.81 17.90 -3.41
C GLY A 128 -12.58 18.42 -2.01
N GLU A 129 -13.50 19.27 -1.55
CA GLU A 129 -13.49 20.04 -0.30
C GLU A 129 -14.35 19.45 0.82
N THR A 130 -13.96 19.73 2.08
CA THR A 130 -14.65 19.32 3.31
C THR A 130 -15.83 20.17 3.77
N LEU A 131 -16.58 19.64 4.73
CA LEU A 131 -17.68 20.38 5.35
C LEU A 131 -17.17 21.71 5.95
N GLN A 132 -16.06 21.62 6.64
CA GLN A 132 -15.44 22.79 7.16
C GLN A 132 -15.15 23.83 6.07
N GLU A 133 -14.38 23.42 5.04
CA GLU A 133 -14.02 24.25 3.92
C GLU A 133 -15.24 24.78 3.22
N ARG A 134 -16.22 23.91 2.99
CA ARG A 134 -17.40 24.37 2.29
C ARG A 134 -18.09 25.45 3.12
N GLU A 135 -18.50 25.08 4.33
CA GLU A 135 -19.20 25.97 5.27
C GLU A 135 -18.66 27.39 5.39
N SER A 136 -17.35 27.49 5.54
CA SER A 136 -16.64 28.74 5.61
C SER A 136 -16.47 29.47 4.26
N GLY A 137 -17.32 29.22 3.28
CA GLY A 137 -17.20 29.93 2.01
C GLY A 137 -15.92 29.74 1.19
N ARG A 138 -15.30 28.56 1.33
CA ARG A 138 -14.01 28.32 0.71
C ARG A 138 -13.88 27.22 -0.35
N THR A 139 -15.00 26.91 -0.99
CA THR A 139 -15.09 25.87 -1.99
C THR A 139 -14.21 26.11 -3.20
N ALA A 140 -14.55 27.11 -3.98
CA ALA A 140 -13.78 27.52 -5.13
C ALA A 140 -12.29 27.66 -4.81
N VAL A 141 -11.92 28.38 -3.76
CA VAL A 141 -10.52 28.54 -3.36
C VAL A 141 -9.78 27.22 -3.25
N VAL A 142 -10.39 26.27 -2.55
CA VAL A 142 -9.82 24.95 -2.41
C VAL A 142 -9.81 24.21 -3.72
N VAL A 143 -10.97 23.92 -4.35
CA VAL A 143 -10.92 23.18 -5.61
C VAL A 143 -9.95 23.72 -6.64
N LEU A 144 -10.00 25.02 -6.90
CA LEU A 144 -9.03 25.64 -7.80
C LEU A 144 -7.58 25.47 -7.41
N THR A 145 -7.31 25.45 -6.11
CA THR A 145 -5.95 25.21 -5.67
C THR A 145 -5.50 23.79 -5.94
N GLN A 146 -6.40 22.84 -5.66
CA GLN A 146 -6.15 21.46 -6.01
C GLN A 146 -5.80 21.26 -7.45
N ILE A 147 -6.70 21.62 -8.36
CA ILE A 147 -6.51 21.56 -9.81
C ILE A 147 -5.25 22.36 -10.25
N ALA A 148 -4.99 23.52 -9.65
CA ALA A 148 -3.86 24.35 -10.04
C ALA A 148 -2.53 23.71 -9.73
N ALA A 149 -2.41 23.18 -8.52
CA ALA A 149 -1.27 22.38 -8.13
C ALA A 149 -0.96 21.22 -9.07
N ILE A 150 -1.96 20.54 -9.55
CA ILE A 150 -1.81 19.43 -10.46
C ILE A 150 -1.38 19.93 -11.84
N ALA A 151 -2.04 21.01 -12.26
CA ALA A 151 -1.93 21.71 -13.52
C ALA A 151 -0.52 22.15 -13.77
N LYS A 152 0.12 22.60 -12.70
CA LYS A 152 1.45 23.13 -12.90
C LYS A 152 2.44 22.21 -13.56
N LYS A 153 2.51 20.99 -13.03
CA LYS A 153 3.39 19.95 -13.49
C LYS A 153 2.99 19.33 -14.82
N LEU A 154 1.83 19.66 -15.34
CA LEU A 154 1.40 19.13 -16.62
C LEU A 154 1.66 20.07 -17.79
N LYS A 155 1.99 19.48 -18.91
CA LYS A 155 2.08 20.24 -20.12
C LYS A 155 0.71 20.09 -20.72
N LYS A 156 0.34 20.94 -21.64
CA LYS A 156 -0.96 20.82 -22.25
C LYS A 156 -1.18 19.43 -22.89
N ALA A 157 -0.18 18.93 -23.59
CA ALA A 157 -0.41 17.68 -24.25
C ALA A 157 -0.69 16.53 -23.30
N ASP A 158 -0.32 16.71 -22.01
CA ASP A 158 -0.47 15.71 -20.95
C ASP A 158 -1.89 15.46 -20.45
N TRP A 159 -2.72 16.47 -20.68
CA TRP A 159 -4.12 16.42 -20.34
C TRP A 159 -4.91 15.27 -21.00
N ALA A 160 -4.39 14.69 -22.06
CA ALA A 160 -5.10 13.61 -22.68
C ALA A 160 -5.12 12.37 -21.82
N LYS A 161 -4.21 12.34 -20.85
CA LYS A 161 -4.00 11.21 -20.02
C LYS A 161 -4.75 11.35 -18.70
N VAL A 162 -5.31 12.53 -18.46
CA VAL A 162 -6.01 12.89 -17.24
C VAL A 162 -7.54 12.91 -17.24
N VAL A 163 -8.05 12.28 -16.22
CA VAL A 163 -9.41 12.39 -15.75
C VAL A 163 -9.43 12.97 -14.34
N ILE A 164 -10.31 13.95 -14.11
CA ILE A 164 -10.57 14.53 -12.78
C ILE A 164 -11.87 13.92 -12.17
N ALA A 165 -11.85 13.52 -10.90
CA ALA A 165 -12.99 13.05 -10.12
C ALA A 165 -13.18 14.05 -9.02
N TYR A 166 -14.31 14.75 -9.02
CA TYR A 166 -14.58 15.75 -7.99
C TYR A 166 -15.31 15.08 -6.90
N GLU A 167 -14.71 15.00 -5.69
CA GLU A 167 -15.32 14.43 -4.47
C GLU A 167 -15.89 15.47 -3.50
N PRO A 168 -17.20 15.43 -3.21
CA PRO A 168 -17.83 16.30 -2.22
C PRO A 168 -17.62 15.78 -0.80
N VAL A 169 -16.47 16.16 -0.25
CA VAL A 169 -16.06 15.58 1.01
C VAL A 169 -16.98 15.93 2.13
N TRP A 170 -17.57 17.10 1.99
CA TRP A 170 -18.56 17.69 2.87
C TRP A 170 -19.85 16.86 2.96
N ALA A 171 -20.00 15.93 2.05
CA ALA A 171 -21.24 15.21 1.93
C ALA A 171 -21.05 13.75 2.27
N ILE A 172 -19.82 13.40 2.56
CA ILE A 172 -19.46 12.02 2.80
C ILE A 172 -19.18 11.82 4.28
N GLY A 173 -20.01 11.01 4.94
CA GLY A 173 -19.90 10.66 6.36
C GLY A 173 -20.37 11.74 7.34
N THR A 174 -20.91 12.84 6.78
CA THR A 174 -21.29 14.08 7.47
C THR A 174 -22.76 14.21 7.87
N GLY A 175 -23.66 13.59 7.12
CA GLY A 175 -25.08 13.78 7.36
C GLY A 175 -25.76 14.60 6.27
N LYS A 176 -25.01 15.52 5.65
CA LYS A 176 -25.41 16.35 4.53
C LYS A 176 -25.79 15.59 3.22
N VAL A 177 -26.62 16.22 2.37
CA VAL A 177 -27.08 15.66 1.10
C VAL A 177 -26.58 16.53 -0.02
N ALA A 178 -26.21 15.92 -1.11
CA ALA A 178 -25.80 16.72 -2.22
C ALA A 178 -26.71 16.50 -3.41
N THR A 179 -27.30 17.59 -3.88
CA THR A 179 -28.17 17.58 -5.04
C THR A 179 -27.41 17.69 -6.33
N PRO A 180 -28.01 17.12 -7.35
CA PRO A 180 -27.42 17.21 -8.69
C PRO A 180 -27.04 18.59 -9.19
N GLN A 181 -27.65 19.64 -8.68
CA GLN A 181 -27.33 21.01 -9.05
C GLN A 181 -26.02 21.45 -8.36
N GLN A 182 -25.73 20.85 -7.20
CA GLN A 182 -24.54 21.09 -6.38
C GLN A 182 -23.32 20.38 -6.93
N ALA A 183 -23.57 19.19 -7.48
CA ALA A 183 -22.56 18.49 -8.23
C ALA A 183 -22.17 19.37 -9.42
N GLN A 184 -23.18 19.68 -10.19
CA GLN A 184 -22.97 20.45 -11.38
C GLN A 184 -22.30 21.81 -11.14
N GLU A 185 -22.66 22.50 -10.06
CA GLU A 185 -22.05 23.79 -9.71
C GLU A 185 -20.51 23.72 -9.69
N ALA A 186 -20.02 22.70 -9.01
CA ALA A 186 -18.65 22.36 -8.84
C ALA A 186 -17.99 21.87 -10.13
N HIS A 187 -18.69 20.98 -10.82
CA HIS A 187 -18.16 20.40 -12.04
C HIS A 187 -17.78 21.46 -13.03
N ALA A 188 -18.71 22.40 -13.17
CA ALA A 188 -18.63 23.53 -14.08
C ALA A 188 -17.57 24.50 -13.65
N LEU A 189 -17.27 24.52 -12.39
CA LEU A 189 -16.23 25.41 -11.98
C LEU A 189 -14.82 24.86 -12.25
N ILE A 190 -14.73 23.55 -12.33
CA ILE A 190 -13.44 22.98 -12.67
C ILE A 190 -13.19 23.17 -14.15
N ARG A 191 -14.17 22.81 -14.95
CA ARG A 191 -14.06 23.00 -16.38
C ARG A 191 -13.73 24.43 -16.76
N SER A 192 -14.38 25.40 -16.09
CA SER A 192 -14.19 26.88 -16.20
C SER A 192 -12.69 27.20 -16.17
N TRP A 193 -12.13 26.70 -15.08
CA TRP A 193 -10.75 26.83 -14.76
C TRP A 193 -9.83 26.35 -15.84
N VAL A 194 -10.07 25.13 -16.30
CA VAL A 194 -9.30 24.46 -17.36
C VAL A 194 -9.41 25.18 -18.68
N SER A 195 -10.62 25.48 -19.05
CA SER A 195 -10.92 26.24 -20.22
C SER A 195 -10.08 27.47 -20.26
N SER A 196 -10.04 28.14 -19.11
CA SER A 196 -9.46 29.47 -18.94
C SER A 196 -7.92 29.50 -18.94
N LYS A 197 -7.32 28.60 -18.17
CA LYS A 197 -5.89 28.52 -17.99
C LYS A 197 -5.24 27.55 -18.96
N ILE A 198 -5.84 26.39 -19.22
CA ILE A 198 -5.22 25.41 -20.08
C ILE A 198 -5.68 25.58 -21.50
N GLY A 199 -6.96 25.82 -21.69
CA GLY A 199 -7.49 25.97 -23.03
C GLY A 199 -8.86 25.30 -23.28
N ALA A 200 -9.69 25.98 -24.05
CA ALA A 200 -11.01 25.50 -24.41
C ALA A 200 -11.04 24.10 -25.01
N ASP A 201 -10.06 23.78 -25.85
CA ASP A 201 -9.92 22.50 -26.51
C ASP A 201 -9.67 21.37 -25.50
N VAL A 202 -8.83 21.63 -24.50
CA VAL A 202 -8.55 20.71 -23.39
C VAL A 202 -9.87 20.53 -22.57
N ALA A 203 -10.43 21.65 -22.10
CA ALA A 203 -11.72 21.81 -21.41
C ALA A 203 -12.77 20.87 -21.98
N GLY A 204 -13.05 20.99 -23.27
CA GLY A 204 -14.09 20.21 -23.92
C GLY A 204 -13.94 18.71 -23.80
N GLU A 205 -12.72 18.25 -23.79
CA GLU A 205 -12.43 16.84 -23.85
C GLU A 205 -12.38 16.25 -22.44
N LEU A 206 -12.14 17.09 -21.47
CA LEU A 206 -11.84 16.64 -20.13
C LEU A 206 -13.02 15.95 -19.42
N ARG A 207 -12.74 14.79 -18.82
CA ARG A 207 -13.72 14.01 -18.05
C ARG A 207 -13.69 14.42 -16.62
N ILE A 208 -14.82 14.95 -16.16
CA ILE A 208 -15.01 15.30 -14.75
C ILE A 208 -16.01 14.34 -14.15
N LEU A 209 -15.52 13.37 -13.40
CA LEU A 209 -16.38 12.36 -12.81
C LEU A 209 -16.96 12.81 -11.47
N TYR A 210 -18.25 12.59 -11.25
CA TYR A 210 -18.82 12.77 -9.93
C TYR A 210 -18.37 11.65 -8.95
N GLY A 211 -17.64 12.05 -7.91
CA GLY A 211 -17.00 11.13 -6.99
C GLY A 211 -17.69 10.99 -5.64
N GLY A 212 -18.94 11.44 -5.53
CA GLY A 212 -19.68 11.34 -4.30
C GLY A 212 -20.63 10.17 -4.29
N SER A 213 -21.63 10.26 -3.42
CA SER A 213 -22.65 9.21 -3.32
C SER A 213 -23.55 9.01 -4.52
N VAL A 214 -23.27 7.92 -5.24
CA VAL A 214 -23.98 7.47 -6.43
C VAL A 214 -24.43 6.01 -6.32
N ASN A 215 -25.62 5.80 -6.80
CA ASN A 215 -26.30 4.55 -6.77
C ASN A 215 -27.23 4.39 -8.00
N GLY A 216 -27.87 3.22 -8.15
CA GLY A 216 -28.73 2.89 -9.26
C GLY A 216 -29.92 3.83 -9.47
N LYS A 217 -30.43 4.43 -8.36
CA LYS A 217 -31.54 5.38 -8.36
C LYS A 217 -31.18 6.78 -8.87
N ASN A 218 -30.05 7.33 -8.42
CA ASN A 218 -29.64 8.71 -8.71
C ASN A 218 -28.67 8.87 -9.89
N ALA A 219 -28.00 7.81 -10.30
CA ALA A 219 -27.00 8.02 -11.30
C ALA A 219 -27.50 8.61 -12.63
N ARG A 220 -28.69 8.24 -13.13
CA ARG A 220 -29.27 8.83 -14.34
C ARG A 220 -29.42 10.34 -14.21
N THR A 221 -29.99 10.77 -13.09
CA THR A 221 -30.20 12.17 -12.82
C THR A 221 -28.92 13.02 -12.79
N LEU A 222 -27.94 12.57 -12.03
CA LEU A 222 -26.62 13.16 -11.93
C LEU A 222 -25.95 13.26 -13.30
N TYR A 223 -26.12 12.20 -14.05
CA TYR A 223 -25.63 12.13 -15.39
C TYR A 223 -26.24 13.16 -16.32
N GLN A 224 -27.49 13.59 -16.05
CA GLN A 224 -28.26 14.54 -16.85
C GLN A 224 -27.53 15.88 -16.97
N GLN A 225 -26.92 16.26 -15.87
CA GLN A 225 -26.13 17.50 -15.77
C GLN A 225 -25.01 17.68 -16.81
N ARG A 226 -24.93 18.86 -17.38
CA ARG A 226 -23.93 19.23 -18.38
C ARG A 226 -22.47 18.82 -18.12
N ASP A 227 -21.92 19.02 -16.92
CA ASP A 227 -20.52 18.71 -16.76
C ASP A 227 -20.21 17.44 -15.97
N VAL A 228 -21.18 16.53 -15.90
CA VAL A 228 -20.99 15.22 -15.30
C VAL A 228 -20.76 14.18 -16.40
N ASN A 229 -19.50 13.70 -16.47
CA ASN A 229 -18.99 12.71 -17.40
C ASN A 229 -18.74 11.35 -16.79
N GLY A 230 -19.52 10.88 -15.85
CA GLY A 230 -19.23 9.56 -15.32
C GLY A 230 -19.11 9.66 -13.81
N PHE A 231 -18.68 8.55 -13.21
CA PHE A 231 -18.65 8.37 -11.76
C PHE A 231 -17.44 7.61 -11.24
N LEU A 232 -17.03 8.01 -10.02
CA LEU A 232 -16.09 7.27 -9.19
C LEU A 232 -16.86 6.68 -7.99
N VAL A 233 -17.18 5.43 -8.13
CA VAL A 233 -18.08 4.73 -7.20
C VAL A 233 -17.37 3.93 -6.16
N GLY A 234 -17.84 4.11 -4.96
CA GLY A 234 -17.34 3.45 -3.79
C GLY A 234 -18.19 2.24 -3.39
N GLY A 235 -19.19 2.55 -2.57
CA GLY A 235 -20.14 1.64 -2.03
C GLY A 235 -20.79 0.72 -3.05
N ALA A 236 -21.58 1.32 -3.93
CA ALA A 236 -22.33 0.67 -4.99
C ALA A 236 -21.48 -0.10 -6.03
N SER A 237 -20.14 0.01 -5.94
CA SER A 237 -19.21 -0.67 -6.80
C SER A 237 -18.98 -2.14 -6.37
N LEU A 238 -19.14 -2.44 -5.07
CA LEU A 238 -19.07 -3.79 -4.53
C LEU A 238 -20.43 -4.52 -4.75
N LYS A 239 -21.28 -3.91 -5.56
CA LYS A 239 -22.64 -4.39 -5.70
C LYS A 239 -23.13 -4.56 -7.15
N PRO A 240 -24.15 -5.41 -7.34
CA PRO A 240 -24.78 -5.58 -8.61
C PRO A 240 -25.33 -4.31 -9.19
N GLU A 241 -25.59 -3.29 -8.36
CA GLU A 241 -26.15 -2.12 -8.98
C GLU A 241 -25.16 -1.30 -9.77
N PHE A 242 -23.91 -1.70 -9.75
CA PHE A 242 -22.92 -0.95 -10.49
C PHE A 242 -23.28 -0.99 -11.97
N VAL A 243 -23.93 -2.07 -12.36
CA VAL A 243 -24.45 -2.24 -13.69
C VAL A 243 -25.50 -1.17 -14.08
N ASP A 244 -26.32 -0.75 -13.16
CA ASP A 244 -27.21 0.38 -13.45
C ASP A 244 -26.44 1.68 -13.63
N ILE A 245 -25.33 1.81 -12.85
CA ILE A 245 -24.39 2.93 -12.85
C ILE A 245 -23.71 3.10 -14.21
N ILE A 246 -23.24 1.99 -14.76
CA ILE A 246 -22.76 1.96 -16.12
C ILE A 246 -23.84 2.34 -17.16
N LYS A 247 -25.08 1.79 -17.05
CA LYS A 247 -26.20 2.04 -17.95
C LYS A 247 -26.59 3.51 -17.94
N ALA A 248 -26.55 4.11 -16.75
CA ALA A 248 -26.89 5.50 -16.54
C ALA A 248 -26.00 6.49 -17.25
N THR A 249 -24.85 6.03 -17.76
CA THR A 249 -23.94 6.83 -18.56
C THR A 249 -24.32 6.81 -20.04
N GLN A 250 -25.64 6.47 -20.32
CA GLN A 250 -26.50 6.33 -21.54
C GLN A 250 -27.08 4.94 -21.88
N SER B 2 21.97 -22.80 23.92
CA SER B 2 21.34 -23.08 22.63
C SER B 2 20.41 -21.96 22.17
N LYS B 3 20.02 -21.99 20.90
CA LYS B 3 19.23 -20.91 20.31
C LYS B 3 17.89 -21.34 19.72
N PRO B 4 16.99 -20.36 19.61
CA PRO B 4 15.75 -20.57 18.93
C PRO B 4 16.03 -20.63 17.46
N GLN B 5 15.07 -21.17 16.70
CA GLN B 5 15.14 -21.37 15.27
C GLN B 5 15.33 -20.04 14.55
N PRO B 6 16.40 -19.89 13.81
CA PRO B 6 16.68 -18.59 13.22
C PRO B 6 15.70 -18.30 12.10
N ILE B 7 15.63 -17.02 11.74
CA ILE B 7 14.84 -16.54 10.64
C ILE B 7 15.79 -15.83 9.70
N ALA B 8 15.59 -15.96 8.38
CA ALA B 8 16.32 -15.19 7.37
C ALA B 8 15.25 -14.67 6.42
N ALA B 9 14.97 -13.38 6.54
CA ALA B 9 13.90 -12.77 5.79
C ALA B 9 14.41 -11.77 4.80
N ALA B 10 13.74 -11.89 3.71
CA ALA B 10 13.91 -11.00 2.63
C ALA B 10 12.83 -9.91 2.58
N ASN B 11 13.27 -8.66 2.68
CA ASN B 11 12.44 -7.48 2.56
C ASN B 11 12.74 -6.83 1.21
N TRP B 12 12.02 -7.25 0.16
CA TRP B 12 12.19 -6.72 -1.17
C TRP B 12 11.80 -5.25 -1.26
N LYS B 13 10.97 -4.81 -0.31
CA LYS B 13 10.58 -3.41 -0.23
C LYS B 13 9.87 -3.11 -1.53
N CYS B 14 9.97 -1.86 -1.97
CA CYS B 14 9.32 -1.40 -3.19
C CYS B 14 10.20 -1.56 -4.41
N ASN B 15 10.41 -2.80 -4.77
CA ASN B 15 11.37 -3.15 -5.80
C ASN B 15 10.89 -4.41 -6.49
N GLY B 16 11.36 -4.61 -7.72
CA GLY B 16 11.07 -5.82 -8.48
C GLY B 16 10.35 -5.73 -9.83
N SER B 17 10.60 -6.77 -10.57
CA SER B 17 9.99 -7.01 -11.83
C SER B 17 9.54 -8.45 -11.78
N GLN B 18 8.62 -8.79 -12.66
CA GLN B 18 8.11 -10.13 -12.65
C GLN B 18 9.25 -11.13 -12.90
N GLN B 19 9.95 -10.87 -14.00
CA GLN B 19 11.00 -11.72 -14.43
C GLN B 19 12.13 -11.80 -13.42
N SER B 20 12.57 -10.66 -12.94
CA SER B 20 13.57 -10.58 -11.90
C SER B 20 13.22 -11.43 -10.68
N LEU B 21 11.97 -11.42 -10.29
CA LEU B 21 11.66 -12.13 -9.09
C LEU B 21 11.50 -13.62 -9.29
N SER B 22 11.04 -13.98 -10.47
CA SER B 22 10.92 -15.36 -10.86
C SER B 22 12.26 -16.02 -10.71
N GLU B 23 13.26 -15.35 -11.32
CA GLU B 23 14.66 -15.71 -11.25
C GLU B 23 15.10 -15.98 -9.83
N LEU B 24 14.98 -15.02 -8.89
CA LEU B 24 15.42 -15.30 -7.50
C LEU B 24 14.76 -16.53 -6.94
N ILE B 25 13.43 -16.60 -7.10
CA ILE B 25 12.60 -17.67 -6.70
C ILE B 25 13.02 -19.01 -7.28
N ASP B 26 13.42 -19.04 -8.53
CA ASP B 26 13.95 -20.27 -9.08
C ASP B 26 15.23 -20.71 -8.40
N LEU B 27 16.14 -19.75 -8.19
CA LEU B 27 17.35 -19.92 -7.37
C LEU B 27 17.03 -20.40 -6.00
N PHE B 28 16.18 -19.66 -5.27
CA PHE B 28 15.70 -20.06 -3.94
C PHE B 28 15.16 -21.48 -3.92
N ASN B 29 14.31 -21.87 -4.84
CA ASN B 29 13.80 -23.23 -4.94
C ASN B 29 14.92 -24.27 -5.17
N SER B 30 15.96 -23.84 -5.91
CA SER B 30 17.16 -24.63 -6.23
C SER B 30 18.06 -24.96 -5.04
N THR B 31 17.99 -24.13 -4.01
CA THR B 31 18.87 -24.17 -2.86
C THR B 31 18.54 -25.28 -1.86
N SER B 32 19.55 -26.04 -1.45
CA SER B 32 19.33 -27.10 -0.49
C SER B 32 19.70 -26.59 0.91
N ILE B 33 18.67 -26.29 1.72
CA ILE B 33 18.87 -25.75 3.04
C ILE B 33 18.87 -26.91 4.02
N ASN B 34 20.11 -27.31 4.34
CA ASN B 34 20.38 -28.50 5.14
C ASN B 34 20.01 -28.45 6.62
N HIS B 35 20.05 -27.23 7.19
CA HIS B 35 19.73 -26.90 8.60
C HIS B 35 18.35 -26.25 8.86
N ASP B 36 17.82 -26.40 10.07
CA ASP B 36 16.58 -25.76 10.51
C ASP B 36 16.70 -24.24 10.69
N VAL B 37 16.19 -23.53 9.69
CA VAL B 37 16.05 -22.11 9.51
C VAL B 37 14.67 -21.87 8.91
N GLN B 38 14.00 -20.81 9.37
CA GLN B 38 12.77 -20.41 8.79
C GLN B 38 13.08 -19.26 7.86
N CYS B 39 12.85 -19.45 6.53
CA CYS B 39 13.10 -18.44 5.48
C CYS B 39 11.88 -17.68 5.05
N VAL B 40 11.96 -16.36 5.00
CA VAL B 40 10.77 -15.55 4.74
C VAL B 40 11.00 -14.70 3.51
N VAL B 41 9.98 -14.56 2.67
CA VAL B 41 10.05 -13.66 1.55
C VAL B 41 8.95 -12.60 1.59
N ALA B 42 9.27 -11.35 1.95
CA ALA B 42 8.29 -10.28 1.92
C ALA B 42 8.43 -9.53 0.61
N SER B 43 7.48 -9.74 -0.32
CA SER B 43 7.44 -9.05 -1.61
C SER B 43 6.37 -7.97 -1.62
N THR B 44 6.29 -7.16 -2.67
CA THR B 44 5.21 -6.17 -2.73
C THR B 44 3.84 -6.85 -2.74
N PHE B 45 2.78 -6.12 -2.47
CA PHE B 45 1.46 -6.67 -2.57
C PHE B 45 1.20 -7.20 -3.95
N VAL B 46 1.56 -6.42 -4.93
CA VAL B 46 1.36 -6.78 -6.32
C VAL B 46 1.96 -8.14 -6.74
N HIS B 47 2.98 -8.66 -6.05
CA HIS B 47 3.66 -9.88 -6.41
C HIS B 47 3.42 -11.01 -5.45
N LEU B 48 2.46 -10.89 -4.56
CA LEU B 48 2.24 -11.94 -3.61
C LEU B 48 1.73 -13.18 -4.29
N ALA B 49 0.97 -12.95 -5.37
CA ALA B 49 0.42 -14.00 -6.22
C ALA B 49 1.48 -14.78 -6.91
N MET B 50 2.30 -14.09 -7.66
CA MET B 50 3.42 -14.68 -8.36
C MET B 50 4.36 -15.36 -7.38
N THR B 51 4.54 -14.81 -6.18
CA THR B 51 5.46 -15.41 -5.21
C THR B 51 4.92 -16.69 -4.60
N LYS B 52 3.64 -16.68 -4.26
CA LYS B 52 2.91 -17.78 -3.67
C LYS B 52 2.77 -18.98 -4.62
N GLU B 53 2.65 -18.68 -5.91
CA GLU B 53 2.36 -19.68 -6.91
C GLU B 53 3.62 -20.41 -7.35
N ARG B 54 4.70 -19.66 -7.37
CA ARG B 54 5.99 -20.08 -7.84
C ARG B 54 6.99 -20.55 -6.78
N LEU B 55 6.93 -19.96 -5.59
CA LEU B 55 7.82 -20.32 -4.52
C LEU B 55 7.35 -21.60 -3.83
N SER B 56 8.09 -22.68 -4.18
CA SER B 56 7.90 -24.08 -3.81
C SER B 56 8.64 -24.62 -2.58
N HIS B 57 9.85 -24.10 -2.31
CA HIS B 57 10.72 -24.56 -1.22
C HIS B 57 10.04 -24.62 0.13
N PRO B 58 10.15 -25.76 0.80
CA PRO B 58 9.45 -26.01 2.06
C PRO B 58 9.89 -25.18 3.24
N LYS B 59 11.11 -24.61 3.14
CA LYS B 59 11.71 -23.79 4.20
C LYS B 59 11.40 -22.29 4.12
N PHE B 60 10.61 -21.89 3.11
CA PHE B 60 10.21 -20.54 2.77
C PHE B 60 8.75 -20.31 2.99
N VAL B 61 8.46 -19.14 3.56
CA VAL B 61 7.11 -18.54 3.67
C VAL B 61 7.07 -17.22 2.96
N ILE B 62 5.87 -16.89 2.53
CA ILE B 62 5.69 -15.57 2.01
C ILE B 62 4.99 -14.66 3.02
N ALA B 63 5.48 -13.42 3.10
CA ALA B 63 5.04 -12.43 4.06
C ALA B 63 4.71 -11.12 3.35
N ALA B 64 3.80 -10.30 3.91
CA ALA B 64 3.48 -8.95 3.42
C ALA B 64 4.31 -7.85 4.11
N GLN B 65 4.51 -6.72 3.44
CA GLN B 65 5.37 -5.67 3.96
C GLN B 65 4.73 -4.67 4.91
N ASN B 66 3.41 -4.81 4.98
CA ASN B 66 2.47 -3.97 5.71
C ASN B 66 1.00 -4.43 5.51
N ALA B 67 0.10 -3.76 6.21
CA ALA B 67 -1.32 -4.02 6.19
C ALA B 67 -1.92 -3.02 7.14
N ILE B 68 -3.22 -2.85 7.03
CA ILE B 68 -3.94 -2.14 8.06
C ILE B 68 -4.85 -3.22 8.72
N ALA B 69 -5.25 -2.99 9.97
CA ALA B 69 -6.02 -3.89 10.77
C ALA B 69 -7.37 -4.33 10.18
N LYS B 70 -8.24 -3.39 9.85
CA LYS B 70 -9.52 -3.79 9.30
C LYS B 70 -9.78 -3.23 7.92
N SER B 71 -10.62 -3.92 7.19
CA SER B 71 -11.06 -3.52 5.85
C SER B 71 -12.10 -2.43 5.95
N GLY B 72 -12.12 -1.62 4.92
CA GLY B 72 -13.09 -0.57 4.84
C GLY B 72 -12.74 0.43 3.75
N ALA B 73 -13.10 1.68 4.03
CA ALA B 73 -12.85 2.79 3.14
C ALA B 73 -11.47 3.39 3.37
N PHE B 74 -10.46 2.75 2.78
CA PHE B 74 -9.02 3.09 2.83
C PHE B 74 -8.40 2.84 1.46
N THR B 75 -8.72 3.72 0.52
CA THR B 75 -8.40 3.61 -0.88
C THR B 75 -6.91 3.50 -1.01
N GLY B 76 -6.39 2.42 -1.54
CA GLY B 76 -4.97 2.28 -1.67
C GLY B 76 -4.35 1.25 -0.74
N GLU B 77 -4.98 1.10 0.42
CA GLU B 77 -4.57 0.19 1.48
C GLU B 77 -5.08 -1.26 1.37
N VAL B 78 -4.31 -2.14 2.03
CA VAL B 78 -4.59 -3.58 2.27
C VAL B 78 -4.70 -3.96 3.76
N SER B 79 -5.77 -4.66 4.08
CA SER B 79 -6.10 -5.12 5.42
C SER B 79 -5.65 -6.52 5.71
N LEU B 80 -5.58 -6.80 7.01
CA LEU B 80 -5.27 -8.13 7.44
C LEU B 80 -6.27 -9.17 6.85
N PRO B 81 -7.57 -8.87 6.91
CA PRO B 81 -8.53 -9.83 6.41
C PRO B 81 -8.36 -10.21 4.97
N ILE B 82 -7.93 -9.24 4.16
CA ILE B 82 -7.67 -9.42 2.73
C ILE B 82 -6.48 -10.36 2.57
N LEU B 83 -5.36 -10.08 3.28
CA LEU B 83 -4.18 -10.93 3.32
C LEU B 83 -4.49 -12.34 3.84
N LYS B 84 -5.21 -12.44 4.94
CA LYS B 84 -5.54 -13.72 5.49
C LYS B 84 -6.23 -14.60 4.47
N ASP B 85 -7.21 -14.00 3.74
CA ASP B 85 -8.02 -14.57 2.62
C ASP B 85 -7.14 -15.06 1.47
N PHE B 86 -6.10 -14.29 1.16
CA PHE B 86 -5.12 -14.65 0.19
C PHE B 86 -4.08 -15.67 0.66
N GLY B 87 -4.18 -16.32 1.82
CA GLY B 87 -3.19 -17.32 2.19
C GLY B 87 -1.83 -16.78 2.61
N VAL B 88 -1.78 -15.52 3.06
CA VAL B 88 -0.60 -14.86 3.67
C VAL B 88 -0.82 -14.87 5.17
N ASN B 89 0.15 -15.43 5.90
CA ASN B 89 0.10 -15.65 7.33
C ASN B 89 1.21 -15.03 8.16
N TRP B 90 2.04 -14.22 7.48
CA TRP B 90 3.21 -13.52 8.01
C TRP B 90 3.18 -12.09 7.52
N ILE B 91 3.63 -11.20 8.39
CA ILE B 91 3.61 -9.80 8.09
C ILE B 91 4.83 -9.09 8.71
N VAL B 92 5.41 -8.14 7.99
CA VAL B 92 6.44 -7.31 8.55
C VAL B 92 5.80 -6.00 9.01
N LEU B 93 5.80 -5.69 10.30
CA LEU B 93 5.15 -4.42 10.64
C LEU B 93 6.11 -3.45 11.33
N GLY B 94 5.80 -2.14 11.26
CA GLY B 94 6.51 -1.04 11.94
C GLY B 94 7.86 -0.68 11.33
N HIS B 95 8.03 -1.02 10.07
CA HIS B 95 9.29 -0.69 9.44
C HIS B 95 9.67 0.79 9.49
N SER B 96 10.97 1.02 9.68
CA SER B 96 11.62 2.33 9.78
C SER B 96 11.15 3.33 8.77
N GLU B 97 10.87 2.84 7.56
CA GLU B 97 10.50 3.68 6.46
C GLU B 97 9.04 4.07 6.54
N ARG B 98 8.29 3.35 7.36
CA ARG B 98 6.87 3.65 7.50
C ARG B 98 6.63 4.62 8.62
N ARG B 99 7.44 4.39 9.65
CA ARG B 99 7.53 5.26 10.80
C ARG B 99 7.94 6.65 10.38
N ALA B 100 9.04 6.73 9.61
CA ALA B 100 9.59 7.96 9.06
C ALA B 100 8.65 8.62 8.07
N TYR B 101 8.62 8.07 6.87
CA TYR B 101 7.82 8.70 5.83
C TYR B 101 6.34 8.79 6.10
N TYR B 102 5.69 7.66 6.43
CA TYR B 102 4.23 7.62 6.60
C TYR B 102 3.68 7.72 8.01
N GLY B 103 4.34 8.53 8.83
CA GLY B 103 3.95 8.77 10.20
C GLY B 103 3.38 7.62 11.03
N GLU B 104 4.03 6.45 11.06
CA GLU B 104 3.61 5.34 11.96
C GLU B 104 4.22 5.48 13.36
N THR B 105 3.41 5.87 14.31
CA THR B 105 3.83 6.08 15.69
C THR B 105 3.97 4.77 16.48
N ASN B 106 4.64 4.78 17.61
CA ASN B 106 4.70 3.58 18.39
C ASN B 106 3.30 3.03 18.67
N GLU B 107 2.32 3.92 18.67
CA GLU B 107 0.94 3.58 18.98
C GLU B 107 0.32 2.72 17.91
N ILE B 108 0.48 3.26 16.71
CA ILE B 108 0.07 2.71 15.43
C ILE B 108 0.68 1.31 15.19
N VAL B 109 1.98 1.18 15.42
CA VAL B 109 2.69 -0.05 15.30
C VAL B 109 2.15 -1.10 16.26
N ALA B 110 2.02 -0.69 17.54
CA ALA B 110 1.49 -1.53 18.62
C ALA B 110 0.10 -2.04 18.32
N ASP B 111 -0.73 -1.15 17.77
CA ASP B 111 -2.06 -1.49 17.36
C ASP B 111 -2.09 -2.41 16.17
N LYS B 112 -1.27 -2.14 15.19
CA LYS B 112 -1.14 -3.05 14.08
C LYS B 112 -0.72 -4.48 14.44
N VAL B 113 0.33 -4.59 15.26
CA VAL B 113 0.90 -5.83 15.79
C VAL B 113 -0.19 -6.60 16.57
N ALA B 114 -0.81 -5.92 17.53
CA ALA B 114 -1.86 -6.51 18.33
C ALA B 114 -2.93 -7.20 17.48
N ALA B 115 -3.48 -6.46 16.51
CA ALA B 115 -4.48 -6.92 15.57
C ALA B 115 -4.06 -8.09 14.70
N ALA B 116 -2.77 -8.07 14.31
CA ALA B 116 -2.09 -9.05 13.47
C ALA B 116 -1.93 -10.38 14.17
N VAL B 117 -1.51 -10.33 15.44
CA VAL B 117 -1.49 -11.50 16.33
C VAL B 117 -2.89 -12.01 16.72
N ALA B 118 -3.86 -11.12 16.89
CA ALA B 118 -5.23 -11.55 17.09
C ALA B 118 -5.82 -12.37 15.95
N SER B 119 -5.41 -11.99 14.77
CA SER B 119 -5.88 -12.55 13.53
C SER B 119 -5.01 -13.68 13.09
N GLY B 120 -4.01 -14.01 13.92
CA GLY B 120 -3.21 -15.21 13.76
C GLY B 120 -2.13 -15.13 12.74
N PHE B 121 -1.45 -14.03 12.74
CA PHE B 121 -0.31 -13.87 11.89
C PHE B 121 0.94 -14.05 12.73
N MET B 122 2.04 -14.35 12.05
CA MET B 122 3.37 -14.30 12.55
C MET B 122 3.89 -12.94 12.12
N VAL B 123 4.40 -12.17 13.07
CA VAL B 123 4.68 -10.74 12.95
C VAL B 123 6.14 -10.42 13.14
N ILE B 124 6.72 -9.80 12.12
CA ILE B 124 8.07 -9.34 12.32
C ILE B 124 7.93 -7.85 12.64
N ALA B 125 8.16 -7.52 13.94
CA ALA B 125 8.09 -6.16 14.47
C ALA B 125 9.43 -5.45 14.54
N CYS B 126 9.55 -4.36 13.75
CA CYS B 126 10.74 -3.52 13.61
C CYS B 126 10.82 -2.39 14.61
N ILE B 127 11.96 -2.36 15.29
CA ILE B 127 12.30 -1.38 16.30
C ILE B 127 13.74 -0.92 16.06
N GLY B 128 14.04 0.31 16.37
CA GLY B 128 15.37 0.77 16.12
C GLY B 128 15.48 2.29 16.20
N GLU B 129 16.62 2.76 16.72
CA GLU B 129 16.94 4.16 16.88
C GLU B 129 17.55 4.81 15.62
N THR B 130 17.57 6.15 15.56
CA THR B 130 18.08 6.85 14.40
C THR B 130 19.50 7.27 14.66
N LEU B 131 20.15 7.91 13.68
CA LEU B 131 21.52 8.34 13.84
C LEU B 131 21.60 9.34 14.98
N GLN B 132 20.80 10.37 14.87
CA GLN B 132 20.68 11.41 15.84
C GLN B 132 20.54 10.88 17.26
N GLU B 133 19.62 9.97 17.53
CA GLU B 133 19.45 9.40 18.84
C GLU B 133 20.68 8.64 19.34
N ARG B 134 21.29 7.81 18.50
CA ARG B 134 22.50 7.12 18.86
C ARG B 134 23.64 8.08 19.27
N GLU B 135 23.92 9.08 18.42
CA GLU B 135 24.90 10.12 18.67
C GLU B 135 24.62 10.95 19.94
N SER B 136 23.35 11.09 20.34
CA SER B 136 22.82 11.84 21.50
C SER B 136 22.94 11.07 22.82
N GLY B 137 23.25 9.76 22.70
CA GLY B 137 23.38 8.76 23.77
C GLY B 137 22.07 8.01 24.18
N ARG B 138 21.04 8.15 23.36
CA ARG B 138 19.68 7.79 23.71
C ARG B 138 19.14 6.45 23.24
N THR B 139 19.95 5.66 22.60
CA THR B 139 19.62 4.36 22.05
C THR B 139 18.78 3.47 22.99
N ALA B 140 19.25 3.34 24.23
CA ALA B 140 18.61 2.52 25.23
C ALA B 140 17.14 2.89 25.42
N VAL B 141 16.93 4.18 25.53
CA VAL B 141 15.62 4.74 25.79
C VAL B 141 14.69 4.44 24.64
N VAL B 142 15.20 4.77 23.46
CA VAL B 142 14.49 4.62 22.23
C VAL B 142 14.01 3.18 22.02
N VAL B 143 14.91 2.20 22.07
CA VAL B 143 14.54 0.83 21.78
C VAL B 143 13.58 0.23 22.78
N LEU B 144 13.82 0.50 24.06
CA LEU B 144 12.90 0.07 25.10
C LEU B 144 11.49 0.65 24.98
N THR B 145 11.36 1.96 24.76
CA THR B 145 10.09 2.66 24.52
C THR B 145 9.29 2.02 23.38
N GLN B 146 10.00 1.71 22.31
CA GLN B 146 9.45 1.03 21.17
C GLN B 146 8.93 -0.36 21.50
N ILE B 147 9.77 -1.22 22.09
CA ILE B 147 9.46 -2.58 22.55
C ILE B 147 8.35 -2.55 23.61
N ALA B 148 8.47 -1.67 24.63
CA ALA B 148 7.43 -1.53 25.61
C ALA B 148 6.08 -1.14 25.01
N ALA B 149 6.00 -0.29 23.98
CA ALA B 149 4.72 0.07 23.33
C ALA B 149 3.93 -1.12 22.76
N ILE B 150 4.69 -2.01 22.12
CA ILE B 150 4.22 -3.25 21.57
C ILE B 150 3.74 -4.15 22.68
N ALA B 151 4.61 -4.31 23.67
CA ALA B 151 4.32 -5.10 24.84
C ALA B 151 2.98 -4.79 25.48
N LYS B 152 2.63 -3.49 25.69
CA LYS B 152 1.37 -3.07 26.31
C LYS B 152 0.19 -3.85 25.72
N LYS B 153 0.08 -3.86 24.40
CA LYS B 153 -1.07 -4.42 23.72
C LYS B 153 -1.14 -5.93 23.70
N LEU B 154 -0.06 -6.63 24.14
CA LEU B 154 0.12 -8.08 24.04
C LEU B 154 0.10 -8.81 25.38
N LYS B 155 -0.79 -9.75 25.44
CA LYS B 155 -0.82 -10.70 26.54
C LYS B 155 0.16 -11.82 26.27
N LYS B 156 0.67 -12.44 27.36
CA LYS B 156 1.63 -13.53 27.43
C LYS B 156 1.72 -14.47 26.22
N ALA B 157 0.64 -15.22 25.95
CA ALA B 157 0.64 -16.19 24.87
C ALA B 157 0.95 -15.61 23.50
N ASP B 158 0.49 -14.38 23.26
CA ASP B 158 0.68 -13.67 22.00
C ASP B 158 2.16 -13.74 21.55
N TRP B 159 3.08 -13.64 22.49
CA TRP B 159 4.48 -13.59 22.21
C TRP B 159 4.97 -14.71 21.29
N ALA B 160 4.23 -15.80 21.34
CA ALA B 160 4.62 -16.91 20.52
C ALA B 160 4.63 -16.60 19.03
N LYS B 161 3.88 -15.58 18.59
CA LYS B 161 3.70 -15.24 17.18
C LYS B 161 4.51 -14.02 16.75
N VAL B 162 5.16 -13.39 17.72
CA VAL B 162 6.04 -12.24 17.56
C VAL B 162 7.52 -12.57 17.33
N VAL B 163 8.09 -11.82 16.40
CA VAL B 163 9.52 -11.81 16.10
C VAL B 163 9.94 -10.33 16.14
N ILE B 164 11.06 -10.05 16.75
CA ILE B 164 11.51 -8.69 16.93
C ILE B 164 12.67 -8.37 16.02
N ALA B 165 12.53 -7.36 15.17
CA ALA B 165 13.68 -7.11 14.32
C ALA B 165 14.35 -5.86 14.78
N TYR B 166 15.65 -5.97 15.08
CA TYR B 166 16.37 -4.78 15.51
C TYR B 166 17.14 -4.25 14.33
N GLU B 167 16.75 -3.08 13.91
CA GLU B 167 17.36 -2.49 12.76
C GLU B 167 17.71 -1.04 13.06
N PRO B 168 18.98 -0.74 13.32
CA PRO B 168 19.40 0.63 13.56
C PRO B 168 19.23 1.45 12.30
N VAL B 169 18.49 2.55 12.38
CA VAL B 169 18.19 3.35 11.21
C VAL B 169 19.38 3.69 10.34
N TRP B 170 20.45 4.04 11.04
CA TRP B 170 21.71 4.47 10.48
C TRP B 170 22.50 3.39 9.76
N ALA B 171 22.00 2.18 9.79
CA ALA B 171 22.60 1.07 9.16
C ALA B 171 21.78 0.58 7.96
N ILE B 172 20.58 1.15 7.80
CA ILE B 172 19.66 0.80 6.73
C ILE B 172 20.12 1.31 5.35
N GLY B 173 20.74 0.41 4.58
CA GLY B 173 21.19 0.62 3.23
C GLY B 173 22.22 1.73 3.07
N THR B 174 23.17 1.76 3.97
CA THR B 174 24.15 2.83 4.02
C THR B 174 25.54 2.29 3.82
N GLY B 175 25.76 1.07 4.30
CA GLY B 175 27.06 0.43 4.32
C GLY B 175 27.59 0.27 5.74
N LYS B 176 27.10 1.14 6.62
CA LYS B 176 27.46 1.09 8.01
C LYS B 176 26.74 -0.05 8.73
N VAL B 177 27.19 -1.27 8.49
CA VAL B 177 26.76 -2.38 9.29
C VAL B 177 27.22 -2.17 10.74
N ALA B 178 26.31 -2.30 11.70
CA ALA B 178 26.67 -2.30 13.09
C ALA B 178 27.71 -3.39 13.30
N THR B 179 28.60 -3.22 14.27
CA THR B 179 29.60 -4.21 14.60
C THR B 179 28.85 -5.33 15.26
N PRO B 180 29.44 -6.49 15.41
CA PRO B 180 28.78 -7.55 16.17
C PRO B 180 28.56 -7.17 17.65
N GLN B 181 29.50 -6.38 18.18
CA GLN B 181 29.43 -5.88 19.53
C GLN B 181 28.27 -4.92 19.79
N GLN B 182 28.01 -4.01 18.84
CA GLN B 182 26.89 -3.08 18.84
C GLN B 182 25.56 -3.79 18.76
N ALA B 183 25.48 -4.75 17.83
CA ALA B 183 24.27 -5.56 17.67
C ALA B 183 24.01 -6.42 18.89
N GLN B 184 24.97 -7.25 19.30
CA GLN B 184 24.84 -8.02 20.54
C GLN B 184 24.47 -7.23 21.80
N GLU B 185 24.90 -5.99 21.98
CA GLU B 185 24.52 -5.27 23.17
C GLU B 185 23.08 -4.78 23.05
N ALA B 186 22.71 -4.44 21.84
CA ALA B 186 21.37 -4.00 21.54
C ALA B 186 20.37 -5.15 21.67
N HIS B 187 20.72 -6.28 21.05
CA HIS B 187 19.90 -7.48 21.16
C HIS B 187 19.75 -7.99 22.60
N ALA B 188 20.80 -7.86 23.44
CA ALA B 188 20.78 -8.30 24.82
C ALA B 188 19.88 -7.46 25.67
N LEU B 189 20.03 -6.17 25.50
CA LEU B 189 19.11 -5.22 26.09
C LEU B 189 17.63 -5.57 25.83
N ILE B 190 17.24 -5.84 24.59
CA ILE B 190 15.87 -6.19 24.30
C ILE B 190 15.40 -7.43 25.07
N ARG B 191 16.28 -8.42 25.15
CA ARG B 191 16.01 -9.65 25.82
C ARG B 191 15.91 -9.53 27.33
N SER B 192 16.71 -8.63 27.93
CA SER B 192 16.74 -8.37 29.37
C SER B 192 15.53 -7.58 29.87
N TRP B 193 14.97 -6.81 28.96
CA TRP B 193 13.73 -6.14 29.15
C TRP B 193 12.58 -7.15 29.05
N VAL B 194 12.63 -8.01 28.02
CA VAL B 194 11.67 -9.09 27.82
C VAL B 194 11.58 -10.07 28.98
N SER B 195 12.70 -10.65 29.37
CA SER B 195 12.70 -11.55 30.51
C SER B 195 12.12 -10.88 31.73
N SER B 196 12.55 -9.66 32.03
CA SER B 196 12.07 -8.92 33.17
C SER B 196 10.56 -8.69 33.16
N LYS B 197 10.05 -7.99 32.16
CA LYS B 197 8.67 -7.63 32.08
C LYS B 197 7.67 -8.79 31.76
N ILE B 198 8.01 -9.65 30.76
CA ILE B 198 7.19 -10.74 30.23
C ILE B 198 7.46 -12.06 30.95
N GLY B 199 8.59 -12.67 30.67
CA GLY B 199 8.97 -13.89 31.35
C GLY B 199 10.26 -14.46 30.81
N ALA B 200 11.06 -15.14 31.65
CA ALA B 200 12.32 -15.72 31.20
C ALA B 200 12.11 -16.80 30.16
N ASP B 201 10.98 -17.46 30.32
CA ASP B 201 10.57 -18.50 29.40
C ASP B 201 10.37 -17.94 27.99
N VAL B 202 9.74 -16.77 27.93
CA VAL B 202 9.45 -16.08 26.70
C VAL B 202 10.70 -15.52 26.05
N ALA B 203 11.56 -14.85 26.86
CA ALA B 203 12.82 -14.29 26.43
C ALA B 203 13.76 -15.32 25.80
N GLY B 204 13.73 -16.57 26.22
CA GLY B 204 14.65 -17.53 25.65
C GLY B 204 14.09 -18.05 24.33
N GLU B 205 12.78 -18.05 24.20
CA GLU B 205 12.07 -18.44 22.98
C GLU B 205 12.10 -17.38 21.86
N LEU B 206 12.15 -16.14 22.22
CA LEU B 206 11.97 -15.10 21.25
C LEU B 206 13.08 -15.01 20.25
N ARG B 207 12.69 -14.83 19.00
CA ARG B 207 13.66 -14.46 18.01
C ARG B 207 13.88 -12.94 17.92
N ILE B 208 15.16 -12.53 17.96
CA ILE B 208 15.53 -11.15 17.73
C ILE B 208 16.43 -11.10 16.52
N LEU B 209 15.99 -10.42 15.43
CA LEU B 209 16.75 -10.30 14.18
C LEU B 209 17.55 -9.01 13.95
N TYR B 210 18.65 -9.12 13.26
CA TYR B 210 19.42 -7.97 12.88
C TYR B 210 19.18 -7.56 11.44
N GLY B 211 19.12 -6.28 11.22
CA GLY B 211 18.90 -5.73 9.91
C GLY B 211 19.55 -4.36 9.76
N GLY B 212 20.17 -4.24 8.59
CA GLY B 212 20.87 -3.05 8.25
C GLY B 212 22.28 -3.38 7.74
N SER B 213 22.38 -3.46 6.42
CA SER B 213 23.66 -3.66 5.75
C SER B 213 24.26 -5.06 5.85
N VAL B 214 23.38 -6.04 6.11
CA VAL B 214 23.72 -7.46 6.13
C VAL B 214 24.00 -7.93 4.71
N ASN B 215 25.13 -8.61 4.53
CA ASN B 215 25.56 -9.13 3.26
C ASN B 215 26.13 -10.48 3.54
N GLY B 216 26.59 -11.16 2.52
CA GLY B 216 27.10 -12.51 2.72
C GLY B 216 28.38 -12.59 3.57
N LYS B 217 29.17 -11.52 3.51
CA LYS B 217 30.45 -11.36 4.19
C LYS B 217 30.36 -11.29 5.73
N ASN B 218 29.65 -10.25 6.18
CA ASN B 218 29.41 -9.88 7.56
C ASN B 218 28.52 -10.76 8.43
N ALA B 219 27.65 -11.51 7.75
CA ALA B 219 26.63 -12.35 8.31
C ALA B 219 27.14 -13.41 9.27
N ARG B 220 28.20 -14.09 8.89
CA ARG B 220 28.60 -15.09 9.84
C ARG B 220 29.04 -14.67 11.24
N THR B 221 29.65 -13.56 11.33
CA THR B 221 30.07 -13.02 12.58
C THR B 221 28.93 -12.44 13.41
N LEU B 222 28.08 -11.66 12.72
CA LEU B 222 26.90 -11.12 13.38
C LEU B 222 26.12 -12.23 14.10
N TYR B 223 25.99 -13.35 13.40
CA TYR B 223 25.27 -14.56 13.79
C TYR B 223 25.84 -15.30 14.99
N GLN B 224 27.17 -15.27 15.08
CA GLN B 224 27.91 -15.85 16.17
C GLN B 224 27.62 -15.27 17.57
N GLN B 225 26.92 -14.13 17.62
CA GLN B 225 26.60 -13.44 18.86
C GLN B 225 25.46 -14.12 19.56
N ARG B 226 25.57 -14.19 20.89
CA ARG B 226 24.62 -14.98 21.61
C ARG B 226 23.17 -14.65 21.35
N ASP B 227 22.83 -13.39 21.09
CA ASP B 227 21.45 -12.90 21.07
C ASP B 227 20.91 -12.54 19.72
N VAL B 228 21.70 -12.88 18.68
CA VAL B 228 21.39 -12.74 17.28
C VAL B 228 20.78 -14.02 16.71
N ASN B 229 19.47 -13.99 16.48
CA ASN B 229 18.70 -15.10 15.90
C ASN B 229 18.46 -14.97 14.39
N GLY B 230 19.17 -14.12 13.68
CA GLY B 230 18.93 -14.02 12.28
C GLY B 230 18.85 -12.59 11.75
N PHE B 231 18.39 -12.50 10.50
CA PHE B 231 18.47 -11.26 9.79
C PHE B 231 17.28 -10.90 8.99
N LEU B 232 17.14 -9.61 8.86
CA LEU B 232 16.16 -9.05 7.97
C LEU B 232 16.94 -8.37 6.87
N VAL B 233 16.91 -8.91 5.66
CA VAL B 233 17.81 -8.40 4.66
C VAL B 233 17.16 -7.54 3.57
N GLY B 234 17.55 -6.29 3.44
CA GLY B 234 17.06 -5.48 2.36
C GLY B 234 17.60 -5.85 1.00
N GLY B 235 18.70 -5.16 0.66
CA GLY B 235 19.44 -5.20 -0.62
C GLY B 235 19.93 -6.56 -1.16
N ALA B 236 20.77 -7.18 -0.38
CA ALA B 236 21.31 -8.46 -0.68
C ALA B 236 20.26 -9.52 -0.83
N SER B 237 18.98 -9.16 -0.67
CA SER B 237 17.87 -10.11 -0.83
C SER B 237 17.36 -10.21 -2.24
N LEU B 238 17.75 -9.22 -3.05
CA LEU B 238 17.47 -9.03 -4.45
C LEU B 238 18.58 -9.73 -5.29
N LYS B 239 19.57 -10.27 -4.57
CA LYS B 239 20.74 -10.94 -5.15
C LYS B 239 20.85 -12.39 -4.72
N PRO B 240 21.72 -13.17 -5.39
CA PRO B 240 21.92 -14.56 -5.00
C PRO B 240 22.69 -14.72 -3.72
N GLU B 241 23.18 -13.59 -3.17
CA GLU B 241 23.87 -13.61 -1.90
C GLU B 241 23.02 -13.80 -0.69
N PHE B 242 21.73 -13.66 -0.90
CA PHE B 242 20.77 -13.98 0.12
C PHE B 242 21.00 -15.39 0.63
N VAL B 243 21.36 -16.28 -0.30
CA VAL B 243 21.71 -17.67 -0.04
C VAL B 243 22.85 -17.80 0.97
N ASP B 244 23.84 -16.95 0.83
CA ASP B 244 24.98 -16.94 1.70
C ASP B 244 24.61 -16.56 3.12
N ILE B 245 23.74 -15.56 3.21
CA ILE B 245 23.18 -15.08 4.48
C ILE B 245 22.43 -16.20 5.18
N ILE B 246 21.58 -16.91 4.41
CA ILE B 246 20.87 -18.11 4.88
C ILE B 246 21.77 -19.17 5.51
N LYS B 247 22.78 -19.65 4.74
CA LYS B 247 23.78 -20.56 5.26
C LYS B 247 24.54 -20.03 6.51
N ALA B 248 24.58 -18.70 6.70
CA ALA B 248 25.21 -18.05 7.83
C ALA B 248 24.53 -18.27 9.21
N THR B 249 23.26 -18.65 9.20
CA THR B 249 22.45 -18.98 10.37
C THR B 249 22.64 -20.45 10.79
N GLN B 250 23.86 -20.90 10.76
CA GLN B 250 24.11 -22.28 11.06
C GLN B 250 25.03 -22.34 12.25
#